data_9FW8
#
_entry.id   9FW8
#
_cell.length_a   66.010
_cell.length_b   66.010
_cell.length_c   264.200
_cell.angle_alpha   90.000
_cell.angle_beta   90.000
_cell.angle_gamma   120.000
#
_symmetry.space_group_name_H-M   'P 65 2 2'
#
loop_
_entity.id
_entity.type
_entity.pdbx_description
1 polymer 'Vitamin D3 receptor A'
2 polymer 'Nuclear receptor coactivator 2'
3 non-polymer (1~{R},3~{S},5~{Z})-5-[(2~{E})-2-[(1~{R},3~{a}~{S},7~{a}~{R})-7~{a}-methyl-1-[(2~{S})-7-methyl-4-methylidene-7-oxidanyl-octan-2-yl]-2,3,3~{a},5,6,7-hexahydro-1~{H}-inden-4-ylidene]ethylidene]-4-methylidene-cyclohexane-1,3-diol
4 water water
#
loop_
_entity_poly.entity_id
_entity_poly.type
_entity_poly.pdbx_seq_one_letter_code
_entity_poly.pdbx_strand_id
1 'polypeptide(L)'
;GSHMLSDEQMQIINSLVEAHHKTYDDSYSDFVRFRPPVREGPVTRSASRAASLHSLSDASSDSFNHSPESVDTKLNFSNL
LMMYQDSGSPDSSEEDQQSRLSMLPHLADLVSYSIQKVIGFAKMIPGFRDLTAEDQIALLKSSAIEIIMLRSNQSFSLED
MSWSCGGPDFKYCINDVTKAGHTLELLEPLVKFQVGLKKLKLHEEEHVLLMAICLLSPDRPGVQDHVRIEALQDRLCDVL
QAYIRIQHPGGRLLYAKMIQKLADLRSLNEEHSKQYRSLSFQPEHSMQLTPLVLEVFGSEVS
;
A
2 'polypeptide(L)' KHKILHRLLQDSS B
#
# COMPACT_ATOMS: atom_id res chain seq x y z
N HIS A 3 22.34 -12.89 -17.92
CA HIS A 3 23.13 -11.91 -17.19
C HIS A 3 22.78 -10.48 -17.57
N MET A 4 21.61 -10.31 -18.18
CA MET A 4 21.21 -9.02 -18.72
C MET A 4 19.68 -9.00 -18.86
N LEU A 5 19.07 -7.90 -18.47
CA LEU A 5 17.61 -7.85 -18.40
C LEU A 5 16.98 -7.92 -19.78
N SER A 6 15.85 -8.62 -19.87
CA SER A 6 15.13 -8.69 -21.13
C SER A 6 14.62 -7.31 -21.50
N ASP A 7 14.35 -7.13 -22.79
CA ASP A 7 13.72 -5.89 -23.22
C ASP A 7 12.30 -5.78 -22.65
N GLU A 8 11.60 -6.92 -22.55
CA GLU A 8 10.28 -6.91 -21.94
C GLU A 8 10.36 -6.54 -20.47
N GLN A 9 11.38 -7.06 -19.78
CA GLN A 9 11.48 -6.83 -18.34
C GLN A 9 11.82 -5.39 -18.00
N MET A 10 12.53 -4.68 -18.88
CA MET A 10 12.82 -3.29 -18.57
C MET A 10 11.62 -2.38 -18.88
N GLN A 11 10.84 -2.71 -19.91
CA GLN A 11 9.62 -1.96 -20.16
C GLN A 11 8.66 -2.10 -18.99
N ILE A 12 8.57 -3.30 -18.40
CA ILE A 12 7.78 -3.49 -17.19
C ILE A 12 8.30 -2.59 -16.09
N ILE A 13 9.62 -2.58 -15.90
CA ILE A 13 10.20 -1.71 -14.88
C ILE A 13 9.92 -0.26 -15.19
N ASN A 14 9.98 0.12 -16.46
CA ASN A 14 9.78 1.51 -16.83
C ASN A 14 8.39 1.97 -16.47
N SER A 15 7.38 1.25 -16.96
CA SER A 15 6.02 1.72 -16.78
C SER A 15 5.58 1.62 -15.33
N LEU A 16 6.20 0.74 -14.55
CA LEU A 16 5.94 0.72 -13.11
C LEU A 16 6.61 1.87 -12.37
N VAL A 17 7.78 2.33 -12.82
CA VAL A 17 8.43 3.42 -12.13
C VAL A 17 7.77 4.74 -12.48
N GLU A 18 7.39 4.91 -13.75
CA GLU A 18 6.65 6.10 -14.14
C GLU A 18 5.31 6.17 -13.43
N ALA A 19 4.64 5.03 -13.24
CA ALA A 19 3.33 5.07 -12.61
C ALA A 19 3.44 5.47 -11.15
N HIS A 20 4.55 5.09 -10.49
CA HIS A 20 4.73 5.49 -9.11
C HIS A 20 4.98 6.99 -8.99
N HIS A 21 5.74 7.55 -9.93
CA HIS A 21 5.97 8.99 -9.90
C HIS A 21 4.70 9.77 -10.17
N LYS A 22 3.79 9.28 -11.02
CA LYS A 22 2.56 10.02 -11.26
C LYS A 22 1.66 10.02 -10.02
N THR A 23 1.78 9.02 -9.16
CA THR A 23 0.85 8.82 -8.07
C THR A 23 1.48 8.96 -6.69
N TYR A 24 2.71 9.47 -6.58
CA TYR A 24 3.35 9.71 -5.29
C TYR A 24 4.02 11.07 -5.33
N ASP A 25 3.54 12.00 -4.50
CA ASP A 25 4.08 13.35 -4.43
C ASP A 25 5.05 13.43 -3.25
N ASP A 26 6.33 13.66 -3.54
CA ASP A 26 7.31 13.75 -2.46
C ASP A 26 7.16 15.04 -1.65
N SER A 27 6.43 16.05 -2.16
CA SER A 27 6.24 17.27 -1.39
C SER A 27 5.12 17.13 -0.36
N TYR A 28 4.22 16.18 -0.53
CA TYR A 28 3.04 16.02 0.33
C TYR A 28 2.22 17.31 0.43
N SER A 29 2.23 18.12 -0.64
CA SER A 29 1.61 19.43 -0.56
C SER A 29 0.09 19.33 -0.44
N ASP A 30 -0.50 18.28 -1.01
CA ASP A 30 -1.93 18.04 -0.93
C ASP A 30 -2.42 17.78 0.50
N PHE A 31 -1.54 17.58 1.47
CA PHE A 31 -2.01 17.26 2.81
C PHE A 31 -2.72 18.45 3.46
N VAL A 32 -2.46 19.67 3.00
CA VAL A 32 -3.18 20.83 3.52
C VAL A 32 -4.68 20.74 3.19
N ARG A 33 -5.07 19.90 2.23
CA ARG A 33 -6.47 19.79 1.86
C ARG A 33 -7.25 18.82 2.72
N PHE A 34 -6.58 18.02 3.54
CA PHE A 34 -7.26 17.13 4.47
C PHE A 34 -7.81 17.91 5.65
N ARG A 35 -8.73 17.28 6.37
CA ARG A 35 -9.16 17.81 7.65
C ARG A 35 -7.93 17.90 8.56
N PRO A 36 -7.69 19.04 9.20
CA PRO A 36 -6.42 19.20 9.92
C PRO A 36 -6.28 18.17 11.03
N PRO A 37 -5.05 17.79 11.35
CA PRO A 37 -4.83 16.91 12.50
C PRO A 37 -5.11 17.66 13.79
N VAL A 38 -5.51 16.91 14.82
CA VAL A 38 -5.63 17.44 16.17
C VAL A 38 -5.00 16.44 17.14
N ARG A 39 -4.23 16.94 18.08
CA ARG A 39 -3.57 16.06 19.04
C ARG A 39 -3.88 16.43 20.47
N ARG A 100 -11.60 9.70 22.40
CA ARG A 100 -11.99 10.91 21.68
C ARG A 100 -11.66 10.78 20.18
N LEU A 101 -10.49 10.19 19.89
CA LEU A 101 -10.01 9.89 18.54
C LEU A 101 -9.77 11.16 17.72
N SER A 102 -8.94 12.05 18.27
CA SER A 102 -8.74 13.36 17.66
C SER A 102 -8.04 13.28 16.29
N MET A 103 -7.21 12.27 16.07
CA MET A 103 -6.49 12.17 14.80
C MET A 103 -7.27 11.46 13.72
N LEU A 104 -8.40 10.82 14.05
CA LEU A 104 -9.11 10.02 13.06
C LEU A 104 -9.58 10.81 11.83
N PRO A 105 -10.12 12.02 11.93
CA PRO A 105 -10.50 12.71 10.67
C PRO A 105 -9.31 12.95 9.75
N HIS A 106 -8.16 13.38 10.28
CA HIS A 106 -7.03 13.68 9.39
C HIS A 106 -6.45 12.41 8.78
N LEU A 107 -6.28 11.35 9.58
CA LEU A 107 -5.73 10.11 9.03
C LEU A 107 -6.73 9.39 8.14
N ALA A 108 -8.03 9.53 8.41
CA ALA A 108 -9.01 8.94 7.50
C ALA A 108 -8.94 9.62 6.14
N ASP A 109 -8.77 10.95 6.14
CA ASP A 109 -8.52 11.65 4.88
C ASP A 109 -7.20 11.18 4.24
N LEU A 110 -6.15 10.99 5.05
CA LEU A 110 -4.85 10.60 4.50
C LEU A 110 -4.96 9.25 3.80
N VAL A 111 -5.55 8.26 4.47
CA VAL A 111 -5.79 6.97 3.85
C VAL A 111 -6.69 7.10 2.62
N SER A 112 -7.77 7.90 2.71
CA SER A 112 -8.68 7.98 1.57
C SER A 112 -7.96 8.50 0.33
N TYR A 113 -7.17 9.57 0.49
CA TYR A 113 -6.29 10.05 -0.56
C TYR A 113 -5.35 8.95 -1.07
N SER A 114 -4.83 8.13 -0.17
CA SER A 114 -3.82 7.17 -0.58
C SER A 114 -4.44 6.06 -1.43
N ILE A 115 -5.66 5.64 -1.08
CA ILE A 115 -6.38 4.66 -1.88
C ILE A 115 -6.56 5.16 -3.31
N GLN A 116 -6.89 6.44 -3.47
CA GLN A 116 -7.03 7.00 -4.81
C GLN A 116 -5.71 6.94 -5.58
N LYS A 117 -4.58 7.07 -4.87
CA LYS A 117 -3.28 6.99 -5.52
C LYS A 117 -2.92 5.55 -5.87
N VAL A 118 -3.27 4.61 -4.99
CA VAL A 118 -3.00 3.19 -5.22
C VAL A 118 -3.79 2.69 -6.42
N ILE A 119 -5.04 3.17 -6.56
CA ILE A 119 -5.87 2.83 -7.71
C ILE A 119 -5.24 3.38 -8.99
N GLY A 120 -4.67 4.59 -8.90
CA GLY A 120 -3.97 5.13 -10.05
C GLY A 120 -2.72 4.35 -10.41
N PHE A 121 -1.98 3.89 -9.40
CA PHE A 121 -0.82 3.05 -9.65
C PHE A 121 -1.23 1.72 -10.26
N ALA A 122 -2.19 1.04 -9.62
CA ALA A 122 -2.63 -0.28 -10.07
C ALA A 122 -3.08 -0.26 -11.52
N LYS A 123 -3.85 0.76 -11.92
CA LYS A 123 -4.32 0.82 -13.30
C LYS A 123 -3.19 0.88 -14.31
N MET A 124 -1.95 1.06 -13.87
CA MET A 124 -0.84 1.11 -14.79
C MET A 124 0.13 -0.04 -14.63
N ILE A 125 -0.18 -1.01 -13.76
CA ILE A 125 0.59 -2.25 -13.72
C ILE A 125 0.24 -3.04 -14.96
N PRO A 126 1.22 -3.45 -15.77
CA PRO A 126 0.91 -4.21 -16.99
C PRO A 126 0.12 -5.46 -16.67
N GLY A 127 -1.06 -5.56 -17.28
CA GLY A 127 -1.92 -6.71 -17.14
C GLY A 127 -3.08 -6.51 -16.19
N PHE A 128 -3.01 -5.51 -15.32
CA PHE A 128 -4.06 -5.29 -14.34
C PHE A 128 -5.34 -4.77 -14.99
N ARG A 129 -5.22 -3.95 -16.04
CA ARG A 129 -6.41 -3.45 -16.72
C ARG A 129 -7.19 -4.56 -17.41
N ASP A 130 -6.52 -5.62 -17.88
CA ASP A 130 -7.21 -6.67 -18.59
C ASP A 130 -7.95 -7.63 -17.68
N LEU A 131 -7.73 -7.57 -16.37
CA LEU A 131 -8.54 -8.35 -15.46
C LEU A 131 -9.98 -7.86 -15.51
N THR A 132 -10.92 -8.75 -15.17
CA THR A 132 -12.29 -8.30 -14.96
C THR A 132 -12.32 -7.21 -13.90
N ALA A 133 -13.36 -6.37 -13.96
CA ALA A 133 -13.50 -5.31 -12.96
C ALA A 133 -13.70 -5.91 -11.59
N GLU A 134 -14.34 -7.09 -11.53
CA GLU A 134 -14.53 -7.78 -10.26
C GLU A 134 -13.19 -8.13 -9.62
N ASP A 135 -12.30 -8.80 -10.37
CA ASP A 135 -10.99 -9.17 -9.82
C ASP A 135 -10.17 -7.94 -9.46
N GLN A 136 -10.21 -6.90 -10.30
CA GLN A 136 -9.58 -5.63 -9.92
C GLN A 136 -10.07 -5.15 -8.55
N ILE A 137 -11.38 -5.17 -8.33
CA ILE A 137 -11.92 -4.68 -7.06
C ILE A 137 -11.52 -5.61 -5.92
N ALA A 138 -11.67 -6.92 -6.14
CA ALA A 138 -11.19 -7.92 -5.19
C ALA A 138 -9.72 -7.69 -4.80
N LEU A 139 -8.85 -7.47 -5.79
CA LEU A 139 -7.43 -7.28 -5.48
C LEU A 139 -7.20 -6.00 -4.70
N LEU A 140 -7.88 -4.91 -5.09
CA LEU A 140 -7.68 -3.64 -4.41
C LEU A 140 -8.27 -3.64 -3.01
N LYS A 141 -9.43 -4.30 -2.81
CA LYS A 141 -10.06 -4.26 -1.50
C LYS A 141 -9.21 -4.93 -0.43
N SER A 142 -8.57 -6.05 -0.76
CA SER A 142 -7.83 -6.76 0.25
C SER A 142 -6.34 -6.42 0.28
N SER A 143 -5.83 -5.65 -0.69
CA SER A 143 -4.42 -5.33 -0.67
C SER A 143 -4.14 -3.88 -0.34
N ALA A 144 -5.18 -3.06 -0.22
CA ALA A 144 -5.00 -1.61 -0.19
C ALA A 144 -4.20 -1.16 1.01
N ILE A 145 -4.54 -1.66 2.20
CA ILE A 145 -3.79 -1.23 3.39
C ILE A 145 -2.35 -1.75 3.32
N GLU A 146 -2.10 -2.87 2.64
CA GLU A 146 -0.72 -3.31 2.53
C GLU A 146 0.07 -2.40 1.60
N ILE A 147 -0.56 -1.95 0.52
CA ILE A 147 0.15 -1.09 -0.41
C ILE A 147 0.41 0.27 0.22
N ILE A 148 -0.55 0.75 1.01
CA ILE A 148 -0.35 2.00 1.72
C ILE A 148 0.80 1.87 2.71
N MET A 149 0.80 0.80 3.50
CA MET A 149 1.91 0.54 4.41
C MET A 149 3.23 0.43 3.66
N LEU A 150 3.18 -0.08 2.43
CA LEU A 150 4.39 -0.23 1.62
C LEU A 150 4.86 1.12 1.08
N ARG A 151 3.92 1.87 0.48
CA ARG A 151 4.30 3.15 -0.12
C ARG A 151 4.65 4.17 0.96
N SER A 152 4.05 4.03 2.14
CA SER A 152 4.36 4.92 3.25
C SER A 152 5.82 4.86 3.67
N ASN A 153 6.55 3.82 3.30
CA ASN A 153 7.94 3.75 3.70
C ASN A 153 8.76 4.89 3.09
N GLN A 154 8.28 5.50 2.01
CA GLN A 154 9.01 6.60 1.41
C GLN A 154 9.07 7.82 2.33
N SER A 155 8.12 7.95 3.27
CA SER A 155 8.13 9.03 4.24
C SER A 155 8.62 8.59 5.61
N PHE A 156 8.77 7.30 5.85
CA PHE A 156 9.23 6.86 7.15
C PHE A 156 10.68 7.30 7.37
N SER A 157 11.07 7.42 8.65
CA SER A 157 12.41 7.89 8.97
C SER A 157 12.88 7.22 10.27
N LEU A 158 14.11 6.69 10.23
CA LEU A 158 14.68 6.04 11.41
C LEU A 158 15.10 7.06 12.45
N GLU A 159 15.49 8.26 12.00
CA GLU A 159 15.87 9.33 12.92
C GLU A 159 14.77 9.60 13.94
N ASP A 160 13.49 9.59 13.52
CA ASP A 160 12.37 9.88 14.42
C ASP A 160 11.43 8.71 14.67
N MET A 161 11.56 7.61 13.93
CA MET A 161 10.61 6.49 14.01
C MET A 161 9.20 6.95 13.72
N SER A 162 9.05 7.97 12.88
CA SER A 162 7.75 8.47 12.50
C SER A 162 7.70 8.59 10.98
N TRP A 163 6.54 8.99 10.48
CA TRP A 163 6.36 9.31 9.07
C TRP A 163 6.39 10.83 8.96
N SER A 164 7.39 11.36 8.28
CA SER A 164 7.58 12.81 8.22
C SER A 164 7.15 13.33 6.85
N CYS A 165 5.94 13.88 6.78
CA CYS A 165 5.40 14.38 5.53
C CYS A 165 5.28 15.90 5.50
N GLY A 166 5.91 16.59 6.43
CA GLY A 166 5.79 18.04 6.46
C GLY A 166 6.49 18.59 7.68
N GLY A 167 5.95 19.69 8.19
CA GLY A 167 6.39 20.23 9.45
C GLY A 167 5.93 19.32 10.58
N PRO A 168 5.82 19.87 11.78
CA PRO A 168 5.28 19.08 12.90
C PRO A 168 3.85 18.61 12.65
N ASP A 169 3.12 19.28 11.76
CA ASP A 169 1.73 18.93 11.51
C ASP A 169 1.60 17.55 10.88
N PHE A 170 2.23 17.35 9.73
CA PHE A 170 2.14 16.08 9.01
C PHE A 170 3.28 15.12 9.34
N LYS A 171 3.84 15.22 10.54
CA LYS A 171 4.74 14.22 11.09
C LYS A 171 3.91 13.31 12.00
N TYR A 172 3.81 12.03 11.65
CA TYR A 172 2.87 11.12 12.31
C TYR A 172 3.61 10.19 13.27
N CYS A 173 3.64 10.57 14.54
CA CYS A 173 4.16 9.74 15.63
C CYS A 173 3.35 8.46 15.77
N ILE A 174 3.90 7.52 16.55
CA ILE A 174 3.13 6.36 16.97
C ILE A 174 1.95 6.78 17.82
N ASN A 175 2.11 7.85 18.59
CA ASN A 175 1.03 8.25 19.48
C ASN A 175 -0.11 8.92 18.74
N ASP A 176 0.18 9.62 17.64
CA ASP A 176 -0.90 10.16 16.83
C ASP A 176 -1.79 9.06 16.28
N VAL A 177 -1.19 7.97 15.80
CA VAL A 177 -2.01 6.94 15.18
C VAL A 177 -2.86 6.22 16.21
N THR A 178 -2.39 6.13 17.47
CA THR A 178 -3.28 5.62 18.51
C THR A 178 -4.50 6.52 18.66
N LYS A 179 -4.31 7.84 18.57
CA LYS A 179 -5.44 8.75 18.64
C LYS A 179 -6.34 8.69 17.42
N ALA A 180 -6.14 7.72 16.53
CA ALA A 180 -7.04 7.46 15.41
C ALA A 180 -7.78 6.15 15.57
N GLY A 181 -7.74 5.55 16.75
CA GLY A 181 -8.47 4.32 16.99
C GLY A 181 -7.73 3.04 16.70
N HIS A 182 -6.40 3.04 16.76
CA HIS A 182 -5.61 1.83 16.59
C HIS A 182 -4.69 1.64 17.78
N THR A 183 -4.41 0.38 18.11
CA THR A 183 -3.68 0.03 19.32
C THR A 183 -2.27 -0.42 18.99
N LEU A 184 -1.48 -0.54 20.06
CA LEU A 184 -0.07 -0.89 19.90
C LEU A 184 0.09 -2.21 19.17
N GLU A 185 -0.80 -3.18 19.41
CA GLU A 185 -0.64 -4.49 18.78
C GLU A 185 -0.71 -4.43 17.25
N LEU A 186 -1.17 -3.33 16.68
CA LEU A 186 -0.96 -3.07 15.27
C LEU A 186 0.24 -2.16 15.05
N LEU A 187 0.31 -1.06 15.80
CA LEU A 187 1.32 -0.06 15.54
C LEU A 187 2.72 -0.53 15.94
N GLU A 188 2.81 -1.46 16.91
CA GLU A 188 4.12 -2.01 17.25
C GLU A 188 4.67 -2.86 16.11
N PRO A 189 3.97 -3.89 15.61
CA PRO A 189 4.50 -4.59 14.43
C PRO A 189 4.60 -3.70 13.19
N LEU A 190 3.75 -2.70 13.07
CA LEU A 190 3.80 -1.87 11.87
C LEU A 190 5.09 -1.05 11.83
N VAL A 191 5.45 -0.43 12.95
CA VAL A 191 6.66 0.38 13.00
C VAL A 191 7.88 -0.51 12.78
N LYS A 192 7.93 -1.64 13.48
CA LYS A 192 9.01 -2.60 13.30
C LYS A 192 9.13 -3.01 11.82
N PHE A 193 7.99 -3.30 11.18
CA PHE A 193 7.98 -3.57 9.75
C PHE A 193 8.63 -2.43 8.96
N GLN A 194 8.30 -1.17 9.30
CA GLN A 194 8.83 -0.04 8.54
C GLN A 194 10.35 0.07 8.67
N VAL A 195 10.91 -0.17 9.87
CA VAL A 195 12.35 0.02 9.98
C VAL A 195 13.08 -1.13 9.31
N GLY A 196 12.54 -2.35 9.39
CA GLY A 196 13.13 -3.44 8.62
C GLY A 196 13.09 -3.15 7.13
N LEU A 197 11.90 -2.75 6.64
CA LEU A 197 11.77 -2.35 5.24
C LEU A 197 12.73 -1.23 4.89
N LYS A 198 12.88 -0.25 5.79
CA LYS A 198 13.77 0.87 5.49
C LYS A 198 15.22 0.40 5.39
N LYS A 199 15.62 -0.55 6.23
CA LYS A 199 17.01 -1.00 6.23
C LYS A 199 17.38 -1.78 4.99
N LEU A 200 16.39 -2.28 4.24
CA LEU A 200 16.67 -2.93 2.96
C LEU A 200 17.20 -1.96 1.93
N LYS A 201 17.00 -0.65 2.14
CA LYS A 201 17.60 0.38 1.31
C LYS A 201 17.30 0.14 -0.17
N LEU A 202 16.05 -0.26 -0.45
CA LEU A 202 15.64 -0.70 -1.78
C LEU A 202 15.83 0.37 -2.84
N HIS A 203 16.20 -0.08 -4.04
CA HIS A 203 16.12 0.76 -5.23
C HIS A 203 14.67 1.19 -5.50
N GLU A 204 14.53 2.27 -6.27
CA GLU A 204 13.18 2.66 -6.67
C GLU A 204 12.50 1.57 -7.47
N GLU A 205 13.30 0.87 -8.30
CA GLU A 205 12.78 -0.20 -9.15
C GLU A 205 12.29 -1.38 -8.33
N GLU A 206 12.87 -1.59 -7.15
CA GLU A 206 12.49 -2.73 -6.32
C GLU A 206 11.27 -2.40 -5.46
N HIS A 207 11.27 -1.21 -4.86
CA HIS A 207 10.10 -0.75 -4.12
C HIS A 207 8.86 -0.81 -5.00
N VAL A 208 8.99 -0.34 -6.23
CA VAL A 208 7.86 -0.28 -7.14
C VAL A 208 7.41 -1.69 -7.52
N LEU A 209 8.38 -2.59 -7.79
CA LEU A 209 8.04 -3.97 -8.12
C LEU A 209 7.39 -4.68 -6.94
N LEU A 210 7.85 -4.38 -5.72
CA LEU A 210 7.29 -5.08 -4.57
C LEU A 210 5.83 -4.72 -4.38
N MET A 211 5.47 -3.44 -4.57
CA MET A 211 4.08 -3.04 -4.44
C MET A 211 3.21 -3.78 -5.46
N ALA A 212 3.71 -3.92 -6.70
CA ALA A 212 2.88 -4.53 -7.72
C ALA A 212 2.76 -6.03 -7.49
N ILE A 213 3.83 -6.65 -6.98
CA ILE A 213 3.77 -8.06 -6.59
C ILE A 213 2.82 -8.26 -5.43
N CYS A 214 2.83 -7.34 -4.46
CA CYS A 214 1.88 -7.40 -3.36
C CYS A 214 0.45 -7.30 -3.87
N LEU A 215 0.21 -6.36 -4.78
CA LEU A 215 -1.12 -6.10 -5.27
C LEU A 215 -1.65 -7.27 -6.10
N LEU A 216 -0.75 -7.97 -6.80
CA LEU A 216 -1.15 -9.05 -7.70
C LEU A 216 -1.11 -10.40 -7.03
N SER A 217 -1.37 -10.46 -5.74
CA SER A 217 -1.39 -11.73 -5.02
C SER A 217 -2.66 -12.50 -5.37
N PRO A 218 -2.56 -13.71 -5.91
CA PRO A 218 -3.78 -14.50 -6.16
C PRO A 218 -4.41 -15.05 -4.91
N ASP A 219 -3.67 -15.11 -3.80
CA ASP A 219 -4.16 -15.68 -2.55
C ASP A 219 -4.87 -14.59 -1.74
N ARG A 220 -5.99 -14.13 -2.30
CA ARG A 220 -6.73 -13.07 -1.67
C ARG A 220 -8.21 -13.34 -1.83
N PRO A 221 -9.01 -13.06 -0.81
CA PRO A 221 -10.46 -13.38 -0.87
C PRO A 221 -11.13 -12.79 -2.10
N GLY A 222 -11.88 -13.64 -2.81
CA GLY A 222 -12.74 -13.19 -3.88
C GLY A 222 -12.12 -13.15 -5.26
N VAL A 223 -10.83 -13.44 -5.39
CA VAL A 223 -10.24 -13.50 -6.73
C VAL A 223 -10.88 -14.64 -7.49
N GLN A 224 -11.27 -14.36 -8.73
CA GLN A 224 -11.88 -15.36 -9.60
C GLN A 224 -10.81 -16.06 -10.45
N ASP A 225 -10.04 -15.27 -11.20
CA ASP A 225 -9.10 -15.78 -12.19
C ASP A 225 -7.74 -16.02 -11.54
N HIS A 226 -7.68 -17.11 -10.75
CA HIS A 226 -6.48 -17.41 -9.99
C HIS A 226 -5.28 -17.58 -10.90
N VAL A 227 -5.46 -18.24 -12.05
CA VAL A 227 -4.31 -18.50 -12.92
C VAL A 227 -3.83 -17.21 -13.59
N ARG A 228 -4.76 -16.37 -14.06
CA ARG A 228 -4.31 -15.18 -14.77
C ARG A 228 -3.49 -14.24 -13.87
N ILE A 229 -3.88 -14.10 -12.61
CA ILE A 229 -3.11 -13.17 -11.77
C ILE A 229 -1.86 -13.85 -11.24
N GLU A 230 -1.94 -15.14 -10.93
CA GLU A 230 -0.73 -15.87 -10.56
C GLU A 230 0.35 -15.74 -11.64
N ALA A 231 -0.02 -15.88 -12.91
CA ALA A 231 0.96 -15.69 -13.98
C ALA A 231 1.49 -14.25 -14.00
N LEU A 232 0.61 -13.27 -13.77
CA LEU A 232 1.05 -11.87 -13.73
C LEU A 232 2.03 -11.65 -12.58
N GLN A 233 1.68 -12.14 -11.40
CA GLN A 233 2.60 -12.01 -10.27
C GLN A 233 3.91 -12.72 -10.53
N ASP A 234 3.87 -13.87 -11.23
CA ASP A 234 5.10 -14.59 -11.55
C ASP A 234 5.98 -13.80 -12.51
N ARG A 235 5.37 -13.24 -13.56
CA ARG A 235 6.11 -12.39 -14.49
C ARG A 235 6.76 -11.21 -13.77
N LEU A 236 6.12 -10.66 -12.74
CA LEU A 236 6.72 -9.57 -11.98
C LEU A 236 7.82 -10.06 -11.03
N CYS A 237 7.63 -11.21 -10.39
CA CYS A 237 8.68 -11.72 -9.52
C CYS A 237 9.94 -12.05 -10.30
N ASP A 238 9.79 -12.63 -11.49
CA ASP A 238 10.94 -12.87 -12.35
C ASP A 238 11.67 -11.58 -12.67
N VAL A 239 10.92 -10.50 -12.91
CA VAL A 239 11.56 -9.20 -13.15
C VAL A 239 12.37 -8.79 -11.93
N LEU A 240 11.78 -8.93 -10.75
CA LEU A 240 12.45 -8.48 -9.53
C LEU A 240 13.68 -9.33 -9.23
N GLN A 241 13.55 -10.66 -9.36
CA GLN A 241 14.68 -11.55 -9.14
C GLN A 241 15.83 -11.24 -10.08
N ALA A 242 15.51 -11.05 -11.37
CA ALA A 242 16.53 -10.72 -12.35
C ALA A 242 17.13 -9.35 -12.07
N TYR A 243 16.27 -8.36 -11.78
CA TYR A 243 16.75 -7.01 -11.49
C TYR A 243 17.77 -7.03 -10.36
N ILE A 244 17.41 -7.63 -9.23
CA ILE A 244 18.29 -7.66 -8.07
C ILE A 244 19.62 -8.31 -8.44
N ARG A 245 19.56 -9.42 -9.15
CA ARG A 245 20.76 -10.16 -9.51
C ARG A 245 21.63 -9.36 -10.48
N ILE A 246 21.04 -8.66 -11.45
CA ILE A 246 21.87 -7.96 -12.43
C ILE A 246 22.33 -6.61 -11.90
N GLN A 247 21.46 -5.88 -11.21
CA GLN A 247 21.64 -4.44 -11.03
C GLN A 247 21.85 -4.01 -9.58
N HIS A 248 21.95 -4.96 -8.65
CA HIS A 248 22.02 -4.62 -7.23
C HIS A 248 23.19 -5.35 -6.59
N PRO A 249 24.34 -4.71 -6.46
CA PRO A 249 25.51 -5.39 -5.88
C PRO A 249 25.27 -5.71 -4.41
N GLY A 250 25.69 -6.91 -4.01
CA GLY A 250 25.46 -7.38 -2.66
C GLY A 250 24.03 -7.72 -2.33
N GLY A 251 23.19 -7.95 -3.33
CA GLY A 251 21.79 -8.19 -3.06
C GLY A 251 21.36 -9.63 -3.24
N ARG A 252 22.30 -10.56 -3.17
CA ARG A 252 21.97 -11.96 -3.45
C ARG A 252 21.03 -12.56 -2.42
N LEU A 253 20.91 -11.95 -1.24
CA LEU A 253 19.96 -12.40 -0.23
C LEU A 253 18.72 -11.50 -0.15
N LEU A 254 18.59 -10.53 -1.06
CA LEU A 254 17.57 -9.50 -0.91
C LEU A 254 16.18 -10.01 -1.30
N TYR A 255 16.09 -10.76 -2.39
CA TYR A 255 14.78 -11.20 -2.87
C TYR A 255 14.04 -12.00 -1.81
N ALA A 256 14.73 -12.89 -1.11
CA ALA A 256 14.08 -13.64 -0.04
C ALA A 256 13.56 -12.72 1.05
N LYS A 257 14.26 -11.61 1.31
CA LYS A 257 13.88 -10.71 2.39
C LYS A 257 12.67 -9.89 2.00
N MET A 258 12.51 -9.61 0.72
CA MET A 258 11.32 -8.90 0.27
C MET A 258 10.11 -9.82 0.29
N ILE A 259 10.28 -11.09 -0.12
CA ILE A 259 9.17 -12.04 -0.07
C ILE A 259 8.74 -12.26 1.39
N GLN A 260 9.70 -12.30 2.31
CA GLN A 260 9.36 -12.24 3.72
C GLN A 260 8.50 -11.01 4.07
N LYS A 261 8.82 -9.83 3.50
CA LYS A 261 8.04 -8.64 3.84
C LYS A 261 6.57 -8.79 3.43
N LEU A 262 6.31 -9.53 2.34
CA LEU A 262 4.92 -9.80 1.96
C LEU A 262 4.20 -10.58 3.04
N ALA A 263 4.85 -11.60 3.61
CA ALA A 263 4.20 -12.34 4.70
C ALA A 263 3.95 -11.45 5.90
N ASP A 264 4.87 -10.50 6.17
CA ASP A 264 4.63 -9.54 7.24
C ASP A 264 3.38 -8.71 6.93
N LEU A 265 3.19 -8.32 5.67
CA LEU A 265 2.05 -7.51 5.30
C LEU A 265 0.73 -8.24 5.57
N ARG A 266 0.64 -9.52 5.22
CA ARG A 266 -0.59 -10.26 5.48
C ARG A 266 -0.96 -10.18 6.95
N SER A 267 0.03 -10.35 7.83
CA SER A 267 -0.25 -10.40 9.25
C SER A 267 -0.58 -9.02 9.81
N LEU A 268 -0.08 -7.96 9.16
CA LEU A 268 -0.46 -6.61 9.54
C LEU A 268 -1.84 -6.26 8.99
N ASN A 269 -2.11 -6.66 7.75
CA ASN A 269 -3.42 -6.51 7.15
C ASN A 269 -4.49 -7.15 8.02
N GLU A 270 -4.21 -8.35 8.52
CA GLU A 270 -5.18 -9.07 9.34
C GLU A 270 -5.50 -8.32 10.62
N GLU A 271 -4.47 -7.80 11.29
CA GLU A 271 -4.69 -7.06 12.52
C GLU A 271 -5.37 -5.72 12.27
N HIS A 272 -5.09 -5.07 11.14
CA HIS A 272 -5.76 -3.81 10.85
C HIS A 272 -7.24 -4.04 10.59
N SER A 273 -7.56 -4.93 9.65
CA SER A 273 -8.96 -5.18 9.34
C SER A 273 -9.76 -5.60 10.57
N LYS A 274 -9.13 -6.28 11.52
CA LYS A 274 -9.83 -6.60 12.76
C LYS A 274 -10.07 -5.34 13.57
N GLN A 275 -9.03 -4.49 13.70
CA GLN A 275 -9.18 -3.26 14.45
C GLN A 275 -10.05 -2.25 13.71
N TYR A 276 -10.22 -2.40 12.39
CA TYR A 276 -11.09 -1.53 11.64
C TYR A 276 -12.55 -1.92 11.82
N ARG A 277 -12.83 -3.22 11.89
CA ARG A 277 -14.18 -3.69 12.18
C ARG A 277 -14.69 -3.07 13.46
N SER A 278 -13.81 -3.00 14.48
CA SER A 278 -14.20 -2.39 15.74
C SER A 278 -14.50 -0.90 15.60
N LEU A 279 -13.83 -0.22 14.66
CA LEU A 279 -14.21 1.15 14.35
C LEU A 279 -15.56 1.20 13.65
N SER A 280 -15.65 0.55 12.49
CA SER A 280 -16.81 0.65 11.63
C SER A 280 -18.12 0.21 12.30
N PHE A 281 -18.07 -0.45 13.45
CA PHE A 281 -19.31 -0.81 14.14
C PHE A 281 -19.80 0.27 15.09
N GLN A 282 -18.98 1.30 15.36
CA GLN A 282 -19.39 2.42 16.18
C GLN A 282 -19.73 3.58 15.27
N PRO A 283 -21.01 3.92 15.07
CA PRO A 283 -21.35 4.94 14.07
C PRO A 283 -20.75 6.30 14.37
N GLU A 284 -20.53 6.62 15.65
CA GLU A 284 -19.88 7.89 15.97
C GLU A 284 -18.48 7.98 15.38
N HIS A 285 -17.77 6.85 15.27
CA HIS A 285 -16.47 6.85 14.63
C HIS A 285 -16.57 6.64 13.13
N SER A 286 -17.39 5.69 12.68
CA SER A 286 -17.44 5.43 11.25
C SER A 286 -17.91 6.68 10.47
N MET A 287 -18.74 7.53 11.07
CA MET A 287 -19.15 8.76 10.39
C MET A 287 -17.99 9.69 10.14
N GLN A 288 -16.89 9.53 10.87
CA GLN A 288 -15.68 10.30 10.62
C GLN A 288 -14.89 9.78 9.43
N LEU A 289 -15.24 8.62 8.86
CA LEU A 289 -14.50 8.12 7.72
C LEU A 289 -14.97 8.82 6.45
N THR A 290 -14.43 8.41 5.32
CA THR A 290 -14.83 8.92 4.03
C THR A 290 -15.56 7.84 3.26
N PRO A 291 -16.35 8.21 2.26
CA PRO A 291 -17.12 7.19 1.54
C PRO A 291 -16.25 6.18 0.82
N LEU A 292 -15.07 6.56 0.35
CA LEU A 292 -14.17 5.63 -0.33
C LEU A 292 -13.60 4.60 0.64
N VAL A 293 -13.09 5.08 1.78
CA VAL A 293 -12.63 4.20 2.85
C VAL A 293 -13.68 3.16 3.20
N LEU A 294 -14.90 3.63 3.52
CA LEU A 294 -15.97 2.71 3.90
C LEU A 294 -16.23 1.68 2.83
N GLU A 295 -16.16 2.10 1.57
CA GLU A 295 -16.46 1.19 0.49
C GLU A 295 -15.34 0.18 0.31
N VAL A 296 -14.10 0.64 0.44
CA VAL A 296 -12.95 -0.23 0.19
C VAL A 296 -12.73 -1.22 1.33
N PHE A 297 -12.98 -0.80 2.58
CA PHE A 297 -12.69 -1.69 3.70
C PHE A 297 -13.92 -2.42 4.23
N GLY A 298 -15.07 -2.34 3.55
CA GLY A 298 -16.24 -3.08 3.96
C GLY A 298 -16.43 -4.37 3.16
N SER A 299 -17.40 -5.18 3.59
CA SER A 299 -17.70 -6.46 2.97
C SER A 299 -18.85 -6.31 1.97
N GLU A 300 -18.58 -6.55 0.69
CA GLU A 300 -19.63 -6.59 -0.33
C GLU A 300 -19.30 -7.70 -1.33
N VAL A 301 -19.84 -7.61 -2.54
CA VAL A 301 -19.60 -8.60 -3.60
C VAL A 301 -18.22 -8.40 -4.22
N LYS B 1 -23.20 -1.45 -5.92
CA LYS B 1 -22.11 -2.20 -5.30
C LYS B 1 -20.80 -1.61 -5.78
N HIS B 2 -19.95 -1.23 -4.82
CA HIS B 2 -18.66 -0.57 -5.09
C HIS B 2 -18.81 0.57 -6.10
N LYS B 3 -19.79 1.44 -5.87
CA LYS B 3 -20.04 2.57 -6.74
C LYS B 3 -18.75 3.33 -7.07
N ILE B 4 -18.04 3.76 -6.03
CA ILE B 4 -16.91 4.66 -6.21
C ILE B 4 -15.75 3.96 -6.92
N LEU B 5 -15.43 2.74 -6.49
CA LEU B 5 -14.30 2.01 -7.06
C LEU B 5 -14.50 1.77 -8.55
N HIS B 6 -15.72 1.40 -8.97
CA HIS B 6 -15.98 1.22 -10.38
C HIS B 6 -15.70 2.50 -11.15
N ARG B 7 -16.09 3.64 -10.59
CA ARG B 7 -15.83 4.91 -11.25
C ARG B 7 -14.34 5.22 -11.25
N LEU B 8 -13.69 5.03 -10.10
CA LEU B 8 -12.24 5.27 -10.01
C LEU B 8 -11.44 4.35 -10.94
N LEU B 9 -11.89 3.11 -11.13
CA LEU B 9 -11.24 2.20 -12.06
C LEU B 9 -11.60 2.50 -13.52
N GLN B 10 -12.05 3.72 -13.82
CA GLN B 10 -12.42 4.11 -15.17
C GLN B 10 -13.38 3.10 -15.80
#